data_6SKR
#
_entry.id   6SKR
#
_cell.length_a   48.388
_cell.length_b   94.776
_cell.length_c   125.588
_cell.angle_alpha   90.000
_cell.angle_beta   90.000
_cell.angle_gamma   90.000
#
_symmetry.space_group_name_H-M   'P 21 21 21'
#
loop_
_entity.id
_entity.type
_entity.pdbx_description
1 polymer Beta-lactamase
2 non-polymer '(4R,5S)-3-({(3S,5S)-5-[(3-carboxyphenyl)carbamoyl]pyrrolidin-3-yl}sulfanyl)-5-[(1S,2R)-1-formyl-2-hydroxypropyl]-4-methyl-4,5-dihydro-1H-pyrrole-2-carboxylic acid'
3 non-polymer 'FORMIC ACID'
4 non-polymer 'MAGNESIUM ION'
5 water water
#
_entity_poly.entity_id   1
_entity_poly.type   'polypeptide(L)'
_entity_poly.pdbx_seq_one_letter_code
;MKTFAAYVIIACLSSTALAGSITENTSWNKEFSAEAVNGVFVLCKSSSKSCATNDLARASKEYLPASTF(KCX)IPNAII
GLETGVIKNEHQVFKWDGKPRAMKQWERDLTLRGAIQVSAVPVFQQIAREVGEVRMQKYLKKFSYGNQNISGGIDKFWLE
GQLRISAVNQVEFLESLYLNKLSASKENQLIVKEALVTEAAPEYLVHSKTGFSGVGTESNPGVAWWVGWVEKETEVYFFA
FNMDIDNESKLPLRKSIPTKIMESEGIIGG
;
_entity_poly.pdbx_strand_id   A,B
#
loop_
_chem_comp.id
_chem_comp.type
_chem_comp.name
_chem_comp.formula
1RG non-polymer '(4R,5S)-3-({(3S,5S)-5-[(3-carboxyphenyl)carbamoyl]pyrrolidin-3-yl}sulfanyl)-5-[(1S,2R)-1-formyl-2-hydroxypropyl]-4-methyl-4,5-dihydro-1H-pyrrole-2-carboxylic acid' 'C22 H27 N3 O7 S'
FMT non-polymer 'FORMIC ACID' 'C H2 O2'
MG non-polymer 'MAGNESIUM ION' 'Mg 2'
#
# COMPACT_ATOMS: atom_id res chain seq x y z
N GLY A 20 10.32 18.97 -17.56
CA GLY A 20 9.84 20.15 -16.86
C GLY A 20 11.03 21.05 -16.58
N SER A 21 10.94 21.88 -15.54
CA SER A 21 12.02 22.75 -15.13
C SER A 21 12.61 22.30 -13.80
N ILE A 22 13.91 22.53 -13.66
CA ILE A 22 14.69 22.10 -12.52
C ILE A 22 15.39 23.35 -11.98
N THR A 23 15.12 23.69 -10.73
CA THR A 23 15.62 24.92 -10.09
C THR A 23 16.56 24.58 -8.95
N GLU A 24 17.74 25.20 -8.98
CA GLU A 24 18.77 24.89 -8.01
C GLU A 24 18.50 25.64 -6.72
N ASN A 25 18.61 24.92 -5.60
CA ASN A 25 18.51 25.48 -4.25
C ASN A 25 19.78 25.10 -3.51
N THR A 26 20.76 26.01 -3.49
CA THR A 26 22.09 25.66 -3.00
C THR A 26 22.12 25.53 -1.49
N SER A 27 21.13 26.09 -0.78
CA SER A 27 21.06 25.90 0.67
C SER A 27 20.96 24.42 1.06
N TRP A 28 20.40 23.59 0.18
CA TRP A 28 20.31 22.15 0.48
C TRP A 28 21.67 21.47 0.49
N ASN A 29 22.72 22.15 0.02
CA ASN A 29 24.03 21.52 0.07
C ASN A 29 24.54 21.43 1.49
N LYS A 30 24.05 22.29 2.39
CA LYS A 30 24.39 22.20 3.81
C LYS A 30 24.36 20.76 4.28
N GLU A 31 23.32 20.02 3.92
CA GLU A 31 23.16 18.66 4.43
C GLU A 31 24.19 17.71 3.84
N PHE A 32 24.63 17.95 2.60
CA PHE A 32 25.68 17.14 2.00
C PHE A 32 27.05 17.52 2.56
N SER A 33 27.33 18.83 2.57
CA SER A 33 28.61 19.36 3.02
C SER A 33 28.99 18.84 4.40
N ALA A 34 28.02 18.86 5.32
CA ALA A 34 28.25 18.38 6.68
C ALA A 34 28.84 16.97 6.70
N GLU A 35 28.37 16.10 5.84
CA GLU A 35 28.73 14.69 5.88
C GLU A 35 29.81 14.36 4.87
N ALA A 36 30.29 15.34 4.13
CA ALA A 36 31.30 15.10 3.11
C ALA A 36 30.78 14.26 1.97
N VAL A 37 29.50 14.41 1.64
CA VAL A 37 28.83 13.57 0.65
C VAL A 37 28.74 14.30 -0.67
N ASN A 38 29.10 13.62 -1.74
CA ASN A 38 28.86 14.13 -3.09
C ASN A 38 27.62 13.44 -3.59
N GLY A 39 26.55 14.20 -3.77
CA GLY A 39 25.30 13.60 -4.22
C GLY A 39 24.31 14.66 -4.63
N VAL A 40 23.11 14.22 -4.95
CA VAL A 40 22.07 15.11 -5.43
C VAL A 40 20.75 14.65 -4.86
N PHE A 41 19.89 15.61 -4.55
CA PHE A 41 18.49 15.36 -4.17
C PHE A 41 17.63 16.16 -5.12
N VAL A 42 16.62 15.51 -5.70
CA VAL A 42 15.65 16.16 -6.58
C VAL A 42 14.29 15.98 -5.94
N LEU A 43 13.56 17.06 -5.77
CA LEU A 43 12.27 17.00 -5.06
C LEU A 43 11.26 17.86 -5.79
N CYS A 44 10.12 17.29 -6.11
CA CYS A 44 9.11 17.93 -6.97
C CYS A 44 7.73 17.85 -6.36
N LYS A 45 7.14 19.00 -6.09
CA LYS A 45 5.78 19.08 -5.58
C LYS A 45 4.80 19.00 -6.74
N SER A 46 3.79 18.14 -6.61
CA SER A 46 2.62 18.06 -7.47
C SER A 46 2.95 17.35 -8.77
N SER A 47 4.04 17.75 -9.40
CA SER A 47 4.43 17.19 -10.69
C SER A 47 5.89 17.48 -10.95
N SER A 48 6.42 16.86 -12.00
CA SER A 48 7.76 17.16 -12.50
C SER A 48 7.81 18.42 -13.34
N LYS A 49 6.69 19.14 -13.44
CA LYS A 49 6.67 20.45 -14.08
C LYS A 49 7.65 21.41 -13.44
N SER A 50 7.93 21.23 -12.15
CA SER A 50 8.86 22.11 -11.44
C SER A 50 9.47 21.27 -10.34
N CYS A 51 10.77 21.07 -10.42
CA CYS A 51 11.53 20.28 -9.45
C CYS A 51 12.61 21.18 -8.87
N ALA A 52 12.97 20.93 -7.62
CA ALA A 52 14.09 21.63 -6.99
C ALA A 52 15.23 20.65 -6.74
N THR A 53 16.45 21.17 -6.72
CA THR A 53 17.61 20.32 -6.48
C THR A 53 18.76 21.12 -5.89
N ASN A 54 19.64 20.42 -5.16
CA ASN A 54 20.86 21.06 -4.72
C ASN A 54 21.91 21.22 -5.82
N ASP A 55 21.79 20.49 -6.93
CA ASP A 55 22.86 20.41 -7.94
C ASP A 55 22.24 20.22 -9.32
N LEU A 56 22.07 21.31 -10.07
CA LEU A 56 21.43 21.20 -11.38
C LEU A 56 22.18 20.20 -12.26
N ALA A 57 23.51 20.33 -12.34
CA ALA A 57 24.28 19.40 -13.18
C ALA A 57 24.07 17.94 -12.76
N ARG A 58 24.25 17.63 -11.49
CA ARG A 58 24.17 16.22 -11.09
C ARG A 58 22.74 15.70 -11.14
N ALA A 59 21.76 16.58 -11.07
CA ALA A 59 20.38 16.10 -11.10
C ALA A 59 20.09 15.33 -12.39
N SER A 60 20.74 15.67 -13.51
CA SER A 60 20.52 14.98 -14.78
C SER A 60 21.65 14.04 -15.17
N LYS A 61 22.66 13.87 -14.30
CA LYS A 61 23.74 12.92 -14.50
C LYS A 61 23.24 11.52 -14.22
N GLU A 62 23.66 10.58 -15.05
CA GLU A 62 23.06 9.25 -15.03
C GLU A 62 23.98 8.25 -14.36
N TYR A 63 23.37 7.36 -13.54
CA TYR A 63 24.07 6.41 -12.69
C TYR A 63 23.41 5.03 -12.76
N LEU A 64 24.19 4.00 -12.45
CA LEU A 64 23.63 2.65 -12.47
C LEU A 64 22.40 2.62 -11.56
N PRO A 65 21.29 2.01 -11.99
CA PRO A 65 20.08 2.03 -11.11
C PRO A 65 20.15 1.08 -9.91
N ALA A 66 20.92 0.00 -10.00
CA ALA A 66 20.99 -1.08 -9.02
C ALA A 66 19.56 -1.47 -8.67
N SER A 67 19.22 -1.56 -7.38
CA SER A 67 17.96 -2.17 -6.94
C SER A 67 16.75 -1.33 -7.29
N THR A 68 16.94 -0.03 -7.63
CA THR A 68 15.80 0.73 -8.08
C THR A 68 15.24 0.19 -9.38
N PHE A 69 16.02 -0.60 -10.13
CA PHE A 69 15.52 -1.16 -11.38
C PHE A 69 14.41 -2.21 -11.12
N KCX A 70 14.30 -2.67 -9.89
CA KCX A 70 13.23 -3.65 -9.58
CB KCX A 70 13.34 -4.13 -8.13
CG KCX A 70 14.55 -5.04 -7.95
CD KCX A 70 14.72 -5.51 -6.51
CE KCX A 70 15.93 -6.48 -6.33
NZ KCX A 70 17.22 -5.88 -6.83
C KCX A 70 11.83 -3.07 -9.89
O KCX A 70 10.91 -3.81 -10.13
CX KCX A 70 17.68 -6.04 -8.07
OQ1 KCX A 70 18.76 -5.45 -8.27
OQ2 KCX A 70 17.11 -6.75 -8.96
H KCX A 70 14.81 -2.45 -9.23
HA KCX A 70 13.33 -4.45 -10.13
HB2 KCX A 70 12.55 -4.62 -7.88
HB3 KCX A 70 13.46 -3.36 -7.54
HG2 KCX A 70 15.36 -4.56 -8.20
HG3 KCX A 70 14.45 -5.83 -8.51
HD2 KCX A 70 13.91 -5.98 -6.23
HD3 KCX A 70 14.87 -4.74 -5.94
HE2 KCX A 70 16.04 -6.70 -5.40
HE3 KCX A 70 15.76 -7.30 -6.85
HZ KCX A 70 17.73 -5.34 -6.22
N ILE A 71 11.69 -1.74 -9.92
CA ILE A 71 10.40 -1.14 -10.22
C ILE A 71 10.02 -1.37 -11.67
N PRO A 72 10.84 -0.92 -12.62
CA PRO A 72 10.49 -1.22 -14.00
C PRO A 72 10.47 -2.71 -14.28
N ASN A 73 11.38 -3.46 -13.67
CA ASN A 73 11.47 -4.89 -13.96
C ASN A 73 10.18 -5.58 -13.52
N ALA A 74 9.64 -5.15 -12.38
CA ALA A 74 8.39 -5.75 -11.88
C ALA A 74 7.25 -5.43 -12.82
N ILE A 75 7.21 -4.19 -13.32
CA ILE A 75 6.14 -3.83 -14.24
C ILE A 75 6.28 -4.64 -15.51
N ILE A 76 7.50 -4.76 -16.02
CA ILE A 76 7.69 -5.50 -17.27
C ILE A 76 7.37 -6.97 -17.09
N GLY A 77 7.81 -7.55 -15.99
CA GLY A 77 7.50 -8.95 -15.71
C GLY A 77 6.00 -9.20 -15.72
N LEU A 78 5.22 -8.28 -15.17
CA LEU A 78 3.77 -8.44 -15.20
C LEU A 78 3.21 -8.20 -16.60
N GLU A 79 3.75 -7.20 -17.31
CA GLU A 79 3.17 -6.87 -18.61
C GLU A 79 3.39 -8.00 -19.62
N THR A 80 4.56 -8.65 -19.58
CA THR A 80 4.84 -9.76 -20.46
C THR A 80 4.25 -11.07 -19.97
N GLY A 81 3.60 -11.07 -18.81
CA GLY A 81 3.06 -12.31 -18.27
C GLY A 81 4.11 -13.22 -17.64
N VAL A 82 5.38 -12.79 -17.58
CA VAL A 82 6.41 -13.57 -16.88
C VAL A 82 6.05 -13.73 -15.41
N ILE A 83 5.59 -12.64 -14.78
CA ILE A 83 4.95 -12.68 -13.47
C ILE A 83 3.49 -12.89 -13.76
N LYS A 84 2.94 -14.07 -13.41
CA LYS A 84 1.59 -14.43 -13.85
C LYS A 84 0.52 -13.49 -13.29
N ASN A 85 0.63 -13.12 -12.02
CA ASN A 85 -0.26 -12.11 -11.47
C ASN A 85 0.26 -11.68 -10.12
N GLU A 86 -0.54 -10.83 -9.46
CA GLU A 86 -0.10 -10.12 -8.27
C GLU A 86 0.20 -11.05 -7.12
N HIS A 87 -0.37 -12.24 -7.13
CA HIS A 87 -0.20 -13.17 -6.03
C HIS A 87 0.81 -14.26 -6.30
N GLN A 88 1.50 -14.20 -7.42
CA GLN A 88 2.59 -15.12 -7.70
C GLN A 88 3.53 -15.26 -6.52
N VAL A 89 3.86 -16.49 -6.17
CA VAL A 89 4.88 -16.75 -5.18
C VAL A 89 6.16 -17.15 -5.90
N PHE A 90 7.25 -16.48 -5.58
CA PHE A 90 8.58 -16.82 -6.12
C PHE A 90 9.21 -17.80 -5.16
N LYS A 91 9.22 -19.07 -5.55
CA LYS A 91 9.66 -20.14 -4.68
C LYS A 91 11.17 -20.16 -4.65
N TRP A 92 11.74 -20.32 -3.45
CA TRP A 92 13.17 -20.57 -3.32
C TRP A 92 13.46 -22.04 -3.65
N ASP A 93 14.45 -22.27 -4.49
CA ASP A 93 14.83 -23.65 -4.79
C ASP A 93 15.77 -24.25 -3.75
N GLY A 94 16.05 -23.55 -2.66
CA GLY A 94 16.93 -24.12 -1.66
C GLY A 94 18.40 -23.95 -1.95
N LYS A 95 18.74 -23.36 -2.97
CA LYS A 95 20.17 -23.24 -3.22
C LYS A 95 20.69 -21.88 -2.74
N PRO A 96 21.98 -21.82 -2.39
CA PRO A 96 22.53 -20.61 -1.78
C PRO A 96 22.17 -19.38 -2.60
N ARG A 97 21.71 -18.34 -1.89
CA ARG A 97 21.55 -17.00 -2.41
C ARG A 97 22.41 -16.04 -1.61
N ALA A 98 22.74 -14.90 -2.24
CA ALA A 98 23.83 -14.10 -1.75
C ALA A 98 23.52 -13.42 -0.43
N MET A 99 22.24 -13.39 -0.05
CA MET A 99 21.87 -12.84 1.25
C MET A 99 20.84 -13.78 1.85
N LYS A 100 20.98 -14.02 3.15
CA LYS A 100 20.10 -14.99 3.80
C LYS A 100 18.64 -14.58 3.74
N GLN A 101 18.35 -13.28 3.74
N GLN A 101 18.35 -13.29 3.77
CA GLN A 101 16.96 -12.84 3.71
CA GLN A 101 16.96 -12.86 3.73
C GLN A 101 16.28 -13.19 2.41
C GLN A 101 16.32 -13.08 2.37
N TRP A 102 17.06 -13.59 1.39
CA TRP A 102 16.47 -14.04 0.13
C TRP A 102 16.20 -15.54 0.09
N GLU A 103 16.65 -16.30 1.08
CA GLU A 103 16.59 -17.76 1.01
C GLU A 103 15.24 -18.22 1.56
N ARG A 104 14.18 -17.89 0.81
CA ARG A 104 12.82 -18.24 1.18
C ARG A 104 11.87 -17.90 0.05
N ASP A 105 10.68 -18.47 0.13
CA ASP A 105 9.63 -18.08 -0.79
C ASP A 105 9.26 -16.63 -0.57
N LEU A 106 8.96 -15.93 -1.65
CA LEU A 106 8.64 -14.52 -1.58
C LEU A 106 7.45 -14.19 -2.48
N THR A 107 6.61 -13.26 -2.02
CA THR A 107 5.67 -12.58 -2.91
C THR A 107 6.40 -11.51 -3.73
N LEU A 108 5.70 -10.86 -4.66
CA LEU A 108 6.30 -9.77 -5.42
C LEU A 108 6.68 -8.63 -4.48
N ARG A 109 5.77 -8.31 -3.55
CA ARG A 109 6.07 -7.28 -2.55
C ARG A 109 7.28 -7.70 -1.74
N GLY A 110 7.26 -8.95 -1.25
CA GLY A 110 8.39 -9.43 -0.50
C GLY A 110 9.68 -9.27 -1.28
N ALA A 111 9.67 -9.66 -2.56
CA ALA A 111 10.91 -9.64 -3.33
C ALA A 111 11.38 -8.20 -3.55
N ILE A 112 10.46 -7.26 -3.70
CA ILE A 112 10.87 -5.86 -3.86
C ILE A 112 11.40 -5.32 -2.55
N GLN A 113 10.70 -5.57 -1.48
CA GLN A 113 11.05 -5.00 -0.17
C GLN A 113 12.33 -5.59 0.42
N VAL A 114 12.58 -6.89 0.27
CA VAL A 114 13.88 -7.42 0.70
C VAL A 114 14.91 -7.29 -0.41
N SER A 115 14.55 -6.73 -1.56
CA SER A 115 15.47 -6.48 -2.67
C SER A 115 16.16 -7.79 -3.10
N ALA A 116 15.32 -8.82 -3.41
CA ALA A 116 15.83 -10.16 -3.75
C ALA A 116 16.29 -10.21 -5.21
N VAL A 117 17.58 -9.88 -5.42
CA VAL A 117 18.11 -9.82 -6.79
C VAL A 117 17.88 -11.08 -7.58
N PRO A 118 18.09 -12.31 -7.08
CA PRO A 118 17.94 -13.49 -7.91
C PRO A 118 16.53 -13.72 -8.39
N VAL A 119 15.52 -13.27 -7.65
CA VAL A 119 14.15 -13.33 -8.16
C VAL A 119 14.03 -12.47 -9.42
N PHE A 120 14.56 -11.24 -9.36
CA PHE A 120 14.48 -10.33 -10.50
C PHE A 120 15.46 -10.70 -11.61
N GLN A 121 16.54 -11.40 -11.29
CA GLN A 121 17.40 -11.88 -12.36
C GLN A 121 16.67 -12.90 -13.20
N GLN A 122 15.91 -13.80 -12.56
CA GLN A 122 15.20 -14.82 -13.32
C GLN A 122 14.06 -14.19 -14.11
N ILE A 123 13.39 -13.19 -13.52
CA ILE A 123 12.39 -12.41 -14.25
C ILE A 123 13.00 -11.82 -15.52
N ALA A 124 14.14 -11.15 -15.38
CA ALA A 124 14.79 -10.54 -16.53
C ALA A 124 15.15 -11.57 -17.60
N ARG A 125 15.67 -12.72 -17.18
CA ARG A 125 16.06 -13.75 -18.15
C ARG A 125 14.87 -14.18 -18.98
N GLU A 126 13.71 -14.37 -18.32
CA GLU A 126 12.49 -14.78 -18.97
C GLU A 126 11.89 -13.69 -19.83
N VAL A 127 11.91 -12.44 -19.36
CA VAL A 127 11.54 -11.33 -20.21
C VAL A 127 12.41 -11.32 -21.47
N GLY A 128 13.71 -11.51 -21.31
CA GLY A 128 14.63 -11.53 -22.45
C GLY A 128 15.01 -10.15 -22.99
N GLU A 129 16.08 -10.12 -23.80
CA GLU A 129 16.63 -8.87 -24.28
C GLU A 129 15.62 -8.08 -25.12
N VAL A 130 15.02 -8.73 -26.12
CA VAL A 130 14.11 -7.99 -27.02
C VAL A 130 13.02 -7.28 -26.22
N ARG A 131 12.31 -8.00 -25.34
CA ARG A 131 11.19 -7.38 -24.64
C ARG A 131 11.65 -6.33 -23.64
N MET A 132 12.76 -6.58 -22.91
CA MET A 132 13.32 -5.61 -22.00
C MET A 132 13.68 -4.32 -22.72
N GLN A 133 14.38 -4.43 -23.85
CA GLN A 133 14.73 -3.23 -24.60
C GLN A 133 13.48 -2.47 -24.99
N LYS A 134 12.45 -3.21 -25.44
CA LYS A 134 11.21 -2.55 -25.87
C LYS A 134 10.60 -1.73 -24.76
N TYR A 135 10.49 -2.31 -23.56
CA TYR A 135 9.83 -1.60 -22.46
C TYR A 135 10.69 -0.48 -21.88
N LEU A 136 12.02 -0.57 -21.93
CA LEU A 136 12.77 0.57 -21.40
C LEU A 136 12.66 1.75 -22.33
N LYS A 137 12.50 1.48 -23.62
CA LYS A 137 12.23 2.54 -24.59
C LYS A 137 10.85 3.14 -24.35
N LYS A 138 9.85 2.28 -24.12
CA LYS A 138 8.49 2.77 -23.84
C LYS A 138 8.48 3.65 -22.60
N PHE A 139 9.22 3.26 -21.59
CA PHE A 139 9.28 3.93 -20.31
C PHE A 139 10.25 5.11 -20.29
N SER A 140 10.94 5.38 -21.40
CA SER A 140 12.01 6.38 -21.46
C SER A 140 12.90 6.28 -20.23
N TYR A 141 13.42 5.06 -19.98
CA TYR A 141 14.14 4.74 -18.76
C TYR A 141 15.64 4.93 -18.94
N GLY A 142 16.12 6.11 -18.56
CA GLY A 142 17.56 6.36 -18.58
C GLY A 142 18.12 6.28 -19.98
N ASN A 143 19.36 5.81 -20.08
CA ASN A 143 20.00 5.64 -21.38
C ASN A 143 19.52 4.38 -22.12
N GLN A 144 18.62 3.61 -21.52
CA GLN A 144 17.95 2.49 -22.17
C GLN A 144 18.95 1.49 -22.70
N ASN A 145 20.12 1.45 -22.08
CA ASN A 145 21.25 0.60 -22.50
C ASN A 145 21.24 -0.69 -21.65
N ILE A 146 20.80 -1.82 -22.22
CA ILE A 146 20.71 -3.11 -21.48
C ILE A 146 21.91 -4.02 -21.74
N SER A 147 22.92 -3.52 -22.41
CA SER A 147 24.01 -4.44 -22.70
C SER A 147 24.76 -4.76 -21.38
N GLY A 148 25.47 -5.87 -21.41
CA GLY A 148 26.22 -6.29 -20.25
C GLY A 148 25.65 -7.53 -19.59
N GLY A 149 24.72 -8.22 -20.25
CA GLY A 149 24.17 -9.44 -19.72
C GLY A 149 22.74 -9.22 -19.27
N ILE A 150 21.82 -10.06 -19.74
CA ILE A 150 20.39 -9.86 -19.46
C ILE A 150 20.07 -9.92 -17.96
N ASP A 151 20.86 -10.64 -17.17
CA ASP A 151 20.57 -10.76 -15.76
C ASP A 151 21.45 -9.87 -14.89
N LYS A 152 22.22 -8.92 -15.49
CA LYS A 152 23.07 -8.06 -14.67
C LYS A 152 23.26 -6.66 -15.24
N PHE A 153 22.55 -6.26 -16.29
CA PHE A 153 22.88 -4.95 -16.88
C PHE A 153 22.64 -3.81 -15.90
N TRP A 154 21.70 -3.96 -15.00
CA TRP A 154 21.37 -2.89 -14.05
C TRP A 154 22.21 -2.96 -12.78
N LEU A 155 22.99 -4.02 -12.65
CA LEU A 155 23.89 -4.27 -11.52
C LEU A 155 25.33 -3.85 -11.81
N GLU A 156 25.82 -4.17 -13.01
CA GLU A 156 27.20 -3.89 -13.39
C GLU A 156 27.32 -3.56 -14.87
N GLY A 157 26.22 -3.39 -15.60
CA GLY A 157 26.26 -3.15 -17.01
C GLY A 157 26.34 -1.68 -17.33
N GLN A 158 25.82 -1.35 -18.51
CA GLN A 158 25.87 0.01 -19.02
C GLN A 158 24.59 0.78 -18.84
N LEU A 159 23.59 0.25 -18.15
CA LEU A 159 22.37 1.03 -17.90
C LEU A 159 22.64 2.13 -16.88
N ARG A 160 22.15 3.33 -17.19
CA ARG A 160 22.30 4.52 -16.36
C ARG A 160 20.98 5.28 -16.39
N ILE A 161 20.62 5.91 -15.27
CA ILE A 161 19.46 6.81 -15.22
C ILE A 161 19.75 7.94 -14.23
N SER A 162 19.13 9.11 -14.48
CA SER A 162 19.36 10.24 -13.59
C SER A 162 18.28 10.36 -12.51
N ALA A 163 18.57 11.20 -11.51
CA ALA A 163 17.57 11.51 -10.49
C ALA A 163 16.35 12.17 -11.11
N VAL A 164 16.54 13.07 -12.08
CA VAL A 164 15.38 13.70 -12.72
C VAL A 164 14.57 12.65 -13.46
N ASN A 165 15.23 11.74 -14.13
CA ASN A 165 14.53 10.73 -14.91
C ASN A 165 13.83 9.74 -13.99
N GLN A 166 14.40 9.46 -12.82
CA GLN A 166 13.69 8.60 -11.88
C GLN A 166 12.38 9.25 -11.44
N VAL A 167 12.44 10.56 -11.14
CA VAL A 167 11.24 11.30 -10.76
C VAL A 167 10.19 11.27 -11.85
N GLU A 168 10.59 11.47 -13.11
CA GLU A 168 9.66 11.41 -14.24
C GLU A 168 9.00 10.05 -14.36
N PHE A 169 9.79 8.99 -14.29
CA PHE A 169 9.29 7.62 -14.33
C PHE A 169 8.33 7.34 -13.19
N LEU A 170 8.70 7.73 -11.97
CA LEU A 170 7.83 7.44 -10.82
C LEU A 170 6.55 8.26 -10.86
N GLU A 171 6.62 9.46 -11.44
CA GLU A 171 5.43 10.28 -11.61
C GLU A 171 4.47 9.62 -12.58
N SER A 172 5.01 9.09 -13.69
CA SER A 172 4.18 8.37 -14.63
C SER A 172 3.54 7.16 -13.95
N LEU A 173 4.31 6.46 -13.13
CA LEU A 173 3.75 5.31 -12.43
C LEU A 173 2.63 5.74 -11.48
N TYR A 174 2.90 6.76 -10.68
CA TYR A 174 1.87 7.33 -9.81
C TYR A 174 0.58 7.66 -10.57
N LEU A 175 0.70 8.31 -11.72
CA LEU A 175 -0.46 8.72 -12.50
C LEU A 175 -1.03 7.60 -13.36
N ASN A 176 -0.44 6.39 -13.31
CA ASN A 176 -0.80 5.26 -14.17
C ASN A 176 -0.63 5.59 -15.66
N LYS A 177 0.40 6.37 -15.98
CA LYS A 177 0.63 6.79 -17.35
C LYS A 177 1.78 6.07 -18.03
N LEU A 178 2.46 5.15 -17.36
CA LEU A 178 3.39 4.30 -18.09
C LEU A 178 2.63 3.48 -19.14
N SER A 179 3.36 3.02 -20.16
CA SER A 179 2.76 2.19 -21.21
C SER A 179 2.76 0.77 -20.67
N ALA A 180 1.78 0.54 -19.79
CA ALA A 180 1.52 -0.72 -19.11
C ALA A 180 0.10 -0.60 -18.58
N SER A 181 -0.54 -1.74 -18.35
CA SER A 181 -1.90 -1.71 -17.84
C SER A 181 -1.96 -0.94 -16.52
N LYS A 182 -3.13 -0.35 -16.25
CA LYS A 182 -3.33 0.31 -14.96
C LYS A 182 -3.24 -0.69 -13.84
N GLU A 183 -3.81 -1.89 -14.05
CA GLU A 183 -3.74 -2.96 -13.08
C GLU A 183 -2.30 -3.20 -12.63
N ASN A 184 -1.39 -3.43 -13.57
CA ASN A 184 0.01 -3.75 -13.23
C ASN A 184 0.74 -2.59 -12.60
N GLN A 185 0.42 -1.36 -12.97
CA GLN A 185 0.97 -0.21 -12.24
C GLN A 185 0.46 -0.18 -10.81
N LEU A 186 -0.82 -0.48 -10.61
CA LEU A 186 -1.34 -0.46 -9.24
C LEU A 186 -0.72 -1.57 -8.41
N ILE A 187 -0.54 -2.74 -9.00
CA ILE A 187 0.11 -3.86 -8.31
C ILE A 187 1.49 -3.48 -7.82
N VAL A 188 2.30 -2.89 -8.70
CA VAL A 188 3.66 -2.55 -8.30
C VAL A 188 3.63 -1.41 -7.26
N LYS A 189 2.72 -0.46 -7.42
CA LYS A 189 2.61 0.59 -6.43
C LYS A 189 2.34 0.02 -5.04
N GLU A 190 1.42 -0.95 -4.91
CA GLU A 190 1.18 -1.41 -3.56
C GLU A 190 2.40 -2.10 -2.99
N ALA A 191 3.17 -2.82 -3.83
CA ALA A 191 4.40 -3.46 -3.40
C ALA A 191 5.47 -2.48 -2.91
N LEU A 192 5.39 -1.24 -3.34
CA LEU A 192 6.35 -0.21 -3.02
C LEU A 192 5.98 0.61 -1.78
N VAL A 193 4.80 0.41 -1.20
CA VAL A 193 4.48 1.16 0.01
C VAL A 193 5.46 0.82 1.12
N THR A 194 6.08 1.85 1.72
CA THR A 194 7.02 1.63 2.81
C THR A 194 6.60 2.32 4.13
N GLU A 195 5.65 3.24 4.10
CA GLU A 195 5.16 3.90 5.31
C GLU A 195 3.71 4.26 5.07
N ALA A 196 2.84 3.95 6.03
CA ALA A 196 1.41 4.14 5.88
C ALA A 196 0.86 4.76 7.17
N ALA A 197 0.29 5.93 7.07
CA ALA A 197 -0.40 6.59 8.18
C ALA A 197 -1.67 7.15 7.57
N PRO A 198 -2.64 7.58 8.39
CA PRO A 198 -3.93 7.99 7.80
C PRO A 198 -3.81 9.04 6.72
N GLU A 199 -3.00 10.08 6.91
CA GLU A 199 -2.88 11.10 5.88
C GLU A 199 -1.45 11.24 5.37
N TYR A 200 -0.69 10.15 5.40
CA TYR A 200 0.73 10.19 5.04
C TYR A 200 1.11 8.83 4.51
N LEU A 201 1.39 8.75 3.22
CA LEU A 201 1.73 7.49 2.55
C LEU A 201 3.04 7.66 1.81
N VAL A 202 3.97 6.75 2.01
CA VAL A 202 5.24 6.80 1.30
C VAL A 202 5.36 5.56 0.45
N HIS A 203 5.69 5.77 -0.82
CA HIS A 203 6.15 4.72 -1.73
C HIS A 203 7.63 4.93 -2.01
N SER A 204 8.44 3.89 -1.83
CA SER A 204 9.86 4.16 -2.00
C SER A 204 10.68 2.91 -2.27
N LYS A 205 11.89 3.12 -2.81
CA LYS A 205 12.80 2.02 -3.06
C LYS A 205 14.25 2.47 -2.89
N THR A 206 15.02 1.70 -2.15
CA THR A 206 16.46 1.96 -1.98
C THR A 206 17.28 1.25 -3.04
N GLY A 207 18.48 1.79 -3.28
CA GLY A 207 19.43 1.13 -4.16
C GLY A 207 20.84 1.44 -3.73
N PHE A 208 21.73 0.47 -3.99
CA PHE A 208 23.16 0.55 -3.65
C PHE A 208 23.92 -0.34 -4.62
N SER A 209 24.79 0.25 -5.47
CA SER A 209 25.48 -0.53 -6.46
C SER A 209 26.66 -1.30 -5.90
N GLY A 210 27.12 -0.96 -4.70
CA GLY A 210 28.35 -1.48 -4.14
C GLY A 210 29.35 -0.37 -3.93
N VAL A 211 30.54 -0.75 -3.44
CA VAL A 211 31.48 0.27 -3.02
C VAL A 211 32.41 0.72 -4.13
N GLY A 212 32.25 0.17 -5.37
N GLY A 212 32.28 0.18 -5.31
CA GLY A 212 33.06 0.60 -6.52
CA GLY A 212 33.17 0.59 -6.35
C GLY A 212 34.55 0.36 -6.29
C GLY A 212 34.64 0.63 -5.94
N THR A 213 35.30 0.75 -7.30
N THR A 213 35.26 1.81 -6.08
CA THR A 213 36.72 0.56 -7.51
CA THR A 213 36.61 2.11 -5.58
C THR A 213 37.50 1.82 -7.19
C THR A 213 36.64 3.51 -4.97
N GLU A 214 38.81 1.66 -7.06
N GLU A 214 37.84 3.94 -4.56
CA GLU A 214 39.65 2.79 -6.69
CA GLU A 214 38.01 5.32 -4.11
C GLU A 214 39.35 3.95 -7.62
C GLU A 214 37.90 6.29 -5.27
N SER A 215 39.04 5.10 -7.02
N SER A 215 38.59 5.99 -6.37
CA SER A 215 38.82 6.37 -7.71
CA SER A 215 38.55 6.81 -7.57
C SER A 215 37.53 6.36 -8.53
C SER A 215 37.35 6.49 -8.47
N ASN A 216 36.74 5.32 -8.34
CA ASN A 216 35.47 5.06 -9.03
C ASN A 216 34.38 4.58 -8.09
N PRO A 217 33.73 5.50 -7.38
CA PRO A 217 32.79 5.11 -6.33
C PRO A 217 31.51 4.47 -6.88
N GLY A 218 30.88 3.68 -6.01
CA GLY A 218 29.56 3.17 -6.27
C GLY A 218 28.55 4.26 -6.07
N VAL A 219 27.29 3.89 -6.18
CA VAL A 219 26.17 4.83 -6.08
C VAL A 219 25.12 4.22 -5.15
N ALA A 220 24.54 5.08 -4.32
CA ALA A 220 23.41 4.74 -3.47
C ALA A 220 22.24 5.65 -3.82
N TRP A 221 21.05 5.07 -3.80
CA TRP A 221 19.83 5.71 -4.25
C TRP A 221 18.77 5.66 -3.16
N TRP A 222 17.92 6.68 -3.12
CA TRP A 222 16.60 6.55 -2.51
C TRP A 222 15.65 7.26 -3.45
N VAL A 223 14.64 6.54 -3.96
CA VAL A 223 13.65 7.14 -4.85
C VAL A 223 12.25 6.79 -4.37
N GLY A 224 11.31 7.69 -4.63
CA GLY A 224 9.93 7.43 -4.26
C GLY A 224 9.06 8.66 -4.36
N TRP A 225 7.93 8.60 -3.65
CA TRP A 225 7.07 9.76 -3.56
C TRP A 225 6.29 9.71 -2.26
N VAL A 226 5.89 10.89 -1.80
CA VAL A 226 5.18 11.06 -0.54
C VAL A 226 3.82 11.66 -0.86
N GLU A 227 2.77 11.00 -0.40
CA GLU A 227 1.43 11.56 -0.48
C GLU A 227 1.05 12.07 0.91
N LYS A 228 0.79 13.37 1.00
CA LYS A 228 0.50 14.01 2.27
C LYS A 228 -0.75 14.83 2.06
N GLU A 229 -1.81 14.48 2.78
CA GLU A 229 -3.12 15.08 2.54
C GLU A 229 -3.35 15.02 1.03
N THR A 230 -3.62 16.15 0.38
CA THR A 230 -4.05 16.24 -1.01
C THR A 230 -2.90 16.48 -1.95
N GLU A 231 -1.67 16.48 -1.45
CA GLU A 231 -0.49 16.92 -2.16
C GLU A 231 0.43 15.72 -2.34
N VAL A 232 1.25 15.78 -3.37
CA VAL A 232 2.19 14.68 -3.63
C VAL A 232 3.55 15.29 -3.90
N TYR A 233 4.60 14.58 -3.48
CA TYR A 233 5.98 15.02 -3.64
C TYR A 233 6.76 13.85 -4.20
N PHE A 234 7.40 14.04 -5.37
CA PHE A 234 8.28 13.04 -5.97
C PHE A 234 9.73 13.36 -5.59
N PHE A 235 10.51 12.34 -5.24
CA PHE A 235 11.89 12.55 -4.84
C PHE A 235 12.82 11.49 -5.40
N ALA A 236 14.08 11.89 -5.54
CA ALA A 236 15.12 10.99 -6.00
C ALA A 236 16.44 11.53 -5.45
N PHE A 237 17.16 10.65 -4.77
CA PHE A 237 18.44 10.98 -4.16
C PHE A 237 19.50 10.01 -4.64
N ASN A 238 20.66 10.51 -5.03
CA ASN A 238 21.78 9.60 -5.17
C ASN A 238 23.03 10.25 -4.59
N MET A 239 23.98 9.39 -4.27
CA MET A 239 25.24 9.82 -3.69
C MET A 239 26.31 8.88 -4.13
N ASP A 240 27.52 9.40 -4.22
CA ASP A 240 28.70 8.56 -4.39
C ASP A 240 29.05 7.89 -3.06
N ILE A 241 29.44 6.62 -3.11
CA ILE A 241 29.71 5.87 -1.89
C ILE A 241 30.80 4.85 -2.16
N ASP A 242 31.77 4.79 -1.25
CA ASP A 242 32.82 3.78 -1.33
C ASP A 242 32.97 2.99 -0.04
N ASN A 243 31.99 3.05 0.85
CA ASN A 243 32.08 2.33 2.11
C ASN A 243 30.67 2.19 2.67
N GLU A 244 30.33 0.95 3.06
CA GLU A 244 28.97 0.66 3.46
C GLU A 244 28.56 1.46 4.68
N SER A 245 29.53 1.88 5.50
CA SER A 245 29.20 2.65 6.70
C SER A 245 28.58 4.01 6.39
N LYS A 246 28.63 4.48 5.14
CA LYS A 246 28.03 5.75 4.75
C LYS A 246 26.57 5.56 4.29
N LEU A 247 26.09 4.32 4.24
CA LEU A 247 24.75 4.09 3.70
C LEU A 247 23.63 4.74 4.49
N PRO A 248 23.71 4.90 5.83
CA PRO A 248 22.64 5.60 6.53
C PRO A 248 22.41 6.99 5.98
N LEU A 249 23.47 7.64 5.46
CA LEU A 249 23.33 8.98 4.92
C LEU A 249 22.37 9.01 3.75
N ARG A 250 22.19 7.88 3.06
CA ARG A 250 21.34 7.88 1.87
C ARG A 250 19.88 8.14 2.22
N LYS A 251 19.46 7.80 3.44
CA LYS A 251 18.15 8.21 3.89
C LYS A 251 18.16 9.46 4.76
N SER A 252 19.22 9.70 5.55
CA SER A 252 19.16 10.82 6.48
C SER A 252 19.27 12.17 5.77
N ILE A 253 20.05 12.27 4.69
CA ILE A 253 20.21 13.56 4.03
C ILE A 253 18.90 13.97 3.38
N PRO A 254 18.30 13.13 2.53
CA PRO A 254 17.00 13.50 1.96
C PRO A 254 15.88 13.62 3.00
N THR A 255 15.93 12.85 4.09
CA THR A 255 14.95 13.03 5.15
C THR A 255 15.06 14.41 5.78
N LYS A 256 16.27 14.82 6.11
CA LYS A 256 16.47 16.15 6.65
C LYS A 256 15.93 17.22 5.70
N ILE A 257 16.19 17.06 4.40
CA ILE A 257 15.72 18.07 3.46
C ILE A 257 14.20 18.09 3.42
N MET A 258 13.57 16.94 3.29
CA MET A 258 12.12 16.93 3.23
C MET A 258 11.52 17.45 4.52
N GLU A 259 12.17 17.17 5.66
CA GLU A 259 11.69 17.71 6.94
C GLU A 259 11.80 19.23 6.96
N SER A 260 12.93 19.76 6.47
CA SER A 260 13.08 21.22 6.44
C SER A 260 12.08 21.87 5.51
N GLU A 261 11.52 21.14 4.56
CA GLU A 261 10.41 21.58 3.75
C GLU A 261 9.07 21.28 4.38
N GLY A 262 9.08 20.66 5.54
CA GLY A 262 7.87 20.38 6.26
C GLY A 262 7.09 19.23 5.69
N ILE A 263 7.70 18.45 4.83
CA ILE A 263 7.03 17.28 4.28
C ILE A 263 6.87 16.18 5.33
N ILE A 264 7.94 15.75 6.00
CA ILE A 264 7.88 14.51 6.81
C ILE A 264 7.07 14.67 8.11
N GLY B 20 -13.58 -24.17 2.43
CA GLY B 20 -13.31 -23.41 3.62
C GLY B 20 -13.76 -24.16 4.88
N SER B 21 -13.02 -24.04 5.97
CA SER B 21 -13.47 -24.62 7.22
C SER B 21 -13.40 -23.59 8.35
N ILE B 22 -14.09 -23.91 9.43
CA ILE B 22 -14.06 -23.07 10.63
C ILE B 22 -14.12 -23.95 11.86
N THR B 23 -13.41 -23.53 12.90
CA THR B 23 -13.26 -24.31 14.11
C THR B 23 -13.34 -23.35 15.29
N GLU B 24 -13.99 -23.77 16.37
CA GLU B 24 -14.09 -22.94 17.55
C GLU B 24 -12.89 -23.16 18.45
N ASN B 25 -12.29 -22.06 18.91
CA ASN B 25 -11.14 -22.07 19.80
C ASN B 25 -11.58 -21.30 21.04
N THR B 26 -12.10 -22.05 22.01
CA THR B 26 -12.54 -21.55 23.31
C THR B 26 -11.46 -20.81 24.08
N SER B 27 -10.19 -21.17 23.86
CA SER B 27 -9.09 -20.49 24.53
C SER B 27 -9.09 -18.99 24.30
N TRP B 28 -9.57 -18.55 23.14
CA TRP B 28 -9.54 -17.13 22.84
C TRP B 28 -10.52 -16.33 23.70
N ASN B 29 -11.52 -16.98 24.31
CA ASN B 29 -12.40 -16.29 25.24
C ASN B 29 -11.61 -15.63 26.37
N LYS B 30 -10.41 -16.14 26.65
CA LYS B 30 -9.43 -15.47 27.51
C LYS B 30 -9.49 -13.96 27.44
N GLU B 31 -9.04 -13.38 26.33
CA GLU B 31 -8.89 -11.93 26.24
C GLU B 31 -10.24 -11.23 26.29
N PHE B 32 -11.33 -11.97 26.13
CA PHE B 32 -12.67 -11.37 26.16
C PHE B 32 -13.18 -11.20 27.60
N SER B 33 -13.11 -12.27 28.41
CA SER B 33 -13.57 -12.21 29.79
C SER B 33 -12.73 -11.22 30.60
N ALA B 34 -11.41 -11.18 30.33
CA ALA B 34 -10.53 -10.29 31.05
C ALA B 34 -11.07 -8.87 31.13
N GLU B 35 -11.42 -8.26 30.01
CA GLU B 35 -11.87 -6.87 30.07
C GLU B 35 -13.40 -6.74 29.97
N ALA B 36 -14.13 -7.86 30.01
CA ALA B 36 -15.59 -7.86 30.20
C ALA B 36 -16.32 -7.42 28.92
N VAL B 37 -16.11 -8.19 27.85
CA VAL B 37 -16.64 -7.82 26.55
C VAL B 37 -17.35 -9.03 25.91
N ASN B 38 -18.48 -8.75 25.29
CA ASN B 38 -19.18 -9.74 24.47
C ASN B 38 -18.90 -9.41 23.01
N GLY B 39 -18.16 -10.30 22.33
CA GLY B 39 -17.80 -10.05 20.95
C GLY B 39 -17.10 -11.27 20.40
N VAL B 40 -16.73 -11.18 19.12
CA VAL B 40 -16.24 -12.33 18.38
C VAL B 40 -15.03 -11.93 17.57
N PHE B 41 -14.12 -12.89 17.40
CA PHE B 41 -12.98 -12.73 16.51
C PHE B 41 -12.96 -13.91 15.57
N VAL B 42 -12.83 -13.64 14.26
CA VAL B 42 -12.67 -14.67 13.25
C VAL B 42 -11.34 -14.43 12.56
N LEU B 43 -10.54 -15.47 12.43
CA LEU B 43 -9.19 -15.38 11.88
C LEU B 43 -9.02 -16.53 10.91
N CYS B 44 -8.71 -16.22 9.65
CA CYS B 44 -8.64 -17.25 8.62
C CYS B 44 -7.27 -17.20 7.96
N LYS B 45 -6.65 -18.37 7.83
CA LYS B 45 -5.38 -18.55 7.14
C LYS B 45 -5.69 -18.96 5.71
N SER B 46 -5.20 -18.18 4.75
CA SER B 46 -5.63 -18.37 3.37
C SER B 46 -5.14 -19.70 2.83
N SER B 47 -3.93 -20.11 3.20
CA SER B 47 -3.29 -21.23 2.51
C SER B 47 -3.92 -22.55 2.92
N SER B 48 -4.41 -22.63 4.14
CA SER B 48 -5.15 -23.79 4.64
C SER B 48 -6.66 -23.66 4.44
N LYS B 49 -7.14 -22.52 3.95
CA LYS B 49 -8.57 -22.21 3.87
C LYS B 49 -9.27 -22.59 5.18
N SER B 50 -8.69 -22.15 6.28
CA SER B 50 -9.13 -22.56 7.60
C SER B 50 -9.28 -21.36 8.50
N CYS B 51 -10.41 -21.27 9.21
CA CYS B 51 -10.67 -20.16 10.10
C CYS B 51 -10.82 -20.68 11.52
N ALA B 52 -10.56 -19.82 12.48
CA ALA B 52 -10.87 -20.08 13.88
C ALA B 52 -11.60 -18.87 14.47
N THR B 53 -12.39 -19.13 15.50
CA THR B 53 -13.16 -18.08 16.15
C THR B 53 -13.41 -18.53 17.58
N ASN B 54 -13.58 -17.54 18.48
CA ASN B 54 -13.87 -17.85 19.86
C ASN B 54 -15.31 -18.32 20.05
N ASP B 55 -16.20 -18.01 19.10
CA ASP B 55 -17.64 -18.21 19.31
C ASP B 55 -18.33 -18.37 17.94
N LEU B 56 -18.63 -19.63 17.58
CA LEU B 56 -19.19 -19.91 16.26
C LEU B 56 -20.55 -19.22 16.09
N ALA B 57 -21.32 -19.14 17.17
CA ALA B 57 -22.65 -18.53 17.07
C ALA B 57 -22.54 -17.05 16.74
N ARG B 58 -21.77 -16.28 17.52
CA ARG B 58 -21.65 -14.86 17.22
C ARG B 58 -20.90 -14.62 15.91
N ALA B 59 -19.99 -15.52 15.50
CA ALA B 59 -19.32 -15.33 14.23
C ALA B 59 -20.33 -15.25 13.08
N SER B 60 -21.48 -15.88 13.24
CA SER B 60 -22.49 -15.87 12.19
C SER B 60 -23.59 -14.84 12.44
N LYS B 61 -23.61 -14.20 13.61
CA LYS B 61 -24.59 -13.15 13.86
C LYS B 61 -24.24 -11.90 13.06
N GLU B 62 -25.28 -11.15 12.70
N GLU B 62 -25.28 -11.17 12.67
CA GLU B 62 -25.17 -10.07 11.73
CA GLU B 62 -25.15 -10.07 11.72
C GLU B 62 -25.40 -8.73 12.41
C GLU B 62 -25.39 -8.74 12.40
N TYR B 63 -24.55 -7.76 12.08
CA TYR B 63 -24.54 -6.48 12.77
C TYR B 63 -24.42 -5.34 11.77
N LEU B 64 -24.90 -4.17 12.18
CA LEU B 64 -24.67 -2.95 11.43
C LEU B 64 -23.20 -2.89 11.03
N PRO B 65 -22.87 -2.68 9.76
CA PRO B 65 -21.44 -2.58 9.39
C PRO B 65 -20.80 -1.27 9.79
N ALA B 66 -21.58 -0.22 10.02
CA ALA B 66 -21.06 1.10 10.35
C ALA B 66 -19.99 1.44 9.32
N SER B 67 -18.83 1.95 9.77
CA SER B 67 -17.80 2.48 8.86
C SER B 67 -17.22 1.40 7.95
N THR B 68 -17.36 0.13 8.33
CA THR B 68 -16.76 -0.88 7.46
C THR B 68 -17.43 -0.88 6.11
N PHE B 69 -18.62 -0.32 5.99
CA PHE B 69 -19.33 -0.25 4.72
C PHE B 69 -18.57 0.62 3.73
N KCX B 70 -17.64 1.43 4.21
CA KCX B 70 -16.88 2.33 3.33
CB KCX B 70 -16.00 3.28 4.15
CG KCX B 70 -16.82 4.35 4.91
CD KCX B 70 -15.96 5.26 5.79
CE KCX B 70 -16.79 6.35 6.43
NZ KCX B 70 -17.85 5.79 7.32
C KCX B 70 -16.05 1.52 2.35
O KCX B 70 -15.62 2.03 1.33
CX KCX B 70 -19.12 5.66 6.89
OQ1 KCX B 70 -19.43 6.00 5.74
OQ2 KCX B 70 -19.98 5.18 7.65
H KCX B 70 -17.42 1.49 5.04
HA KCX B 70 -17.51 2.89 2.82
HB2 KCX B 70 -15.39 3.75 3.55
HB3 KCX B 70 -15.49 2.77 4.80
HG2 KCX B 70 -17.47 3.91 5.48
HG3 KCX B 70 -17.30 4.91 4.27
HD2 KCX B 70 -15.54 4.75 6.48
HD3 KCX B 70 -15.28 5.68 5.24
HE2 KCX B 70 -17.21 6.88 5.74
HE3 KCX B 70 -16.21 6.92 6.97
HZ KCX B 70 -17.63 5.51 8.21
N ILE B 71 -15.83 0.26 2.68
CA ILE B 71 -15.07 -0.62 1.78
C ILE B 71 -15.92 -0.95 0.55
N PRO B 72 -17.09 -1.58 0.70
CA PRO B 72 -17.92 -1.80 -0.50
C PRO B 72 -18.39 -0.50 -1.13
N ASN B 73 -18.67 0.53 -0.32
CA ASN B 73 -19.12 1.83 -0.84
C ASN B 73 -18.07 2.43 -1.76
N ALA B 74 -16.80 2.38 -1.36
CA ALA B 74 -15.72 2.87 -2.19
C ALA B 74 -15.67 2.11 -3.52
N ILE B 75 -15.71 0.78 -3.46
CA ILE B 75 -15.65 0.01 -4.70
C ILE B 75 -16.82 0.36 -5.60
N ILE B 76 -18.02 0.41 -5.02
CA ILE B 76 -19.21 0.71 -5.82
C ILE B 76 -19.11 2.10 -6.41
N GLY B 77 -18.62 3.07 -5.63
CA GLY B 77 -18.45 4.42 -6.13
C GLY B 77 -17.54 4.47 -7.34
N LEU B 78 -16.47 3.67 -7.32
CA LEU B 78 -15.56 3.61 -8.47
C LEU B 78 -16.22 2.87 -9.63
N GLU B 79 -16.88 1.73 -9.36
CA GLU B 79 -17.46 0.91 -10.41
C GLU B 79 -18.48 1.70 -11.22
N THR B 80 -19.30 2.51 -10.56
CA THR B 80 -20.34 3.26 -11.22
C THR B 80 -19.83 4.60 -11.77
N GLY B 81 -18.57 4.94 -11.55
CA GLY B 81 -18.03 6.22 -11.97
C GLY B 81 -18.40 7.41 -11.12
N VAL B 82 -19.15 7.23 -10.04
CA VAL B 82 -19.35 8.32 -9.10
C VAL B 82 -18.02 8.82 -8.57
N ILE B 83 -17.10 7.90 -8.31
CA ILE B 83 -15.70 8.22 -8.04
C ILE B 83 -14.96 8.06 -9.36
N LYS B 84 -14.39 9.15 -9.89
CA LYS B 84 -13.84 9.02 -11.24
C LYS B 84 -12.59 8.12 -11.22
N ASN B 85 -11.73 8.28 -10.22
CA ASN B 85 -10.56 7.41 -10.11
C ASN B 85 -9.80 7.62 -8.81
N GLU B 86 -8.61 7.03 -8.71
N GLU B 86 -8.61 7.03 -8.70
CA GLU B 86 -7.90 7.04 -7.44
CA GLU B 86 -7.87 7.04 -7.45
C GLU B 86 -7.41 8.43 -7.05
C GLU B 86 -7.40 8.43 -7.05
N HIS B 87 -7.26 9.35 -8.00
CA HIS B 87 -6.73 10.67 -7.72
C HIS B 87 -7.83 11.71 -7.54
N GLN B 88 -9.08 11.27 -7.47
CA GLN B 88 -10.17 12.16 -7.13
C GLN B 88 -9.94 12.81 -5.77
N VAL B 89 -10.08 14.13 -5.71
CA VAL B 89 -10.04 14.85 -4.45
C VAL B 89 -11.47 15.18 -4.06
N PHE B 90 -11.82 14.87 -2.83
CA PHE B 90 -13.14 15.19 -2.28
C PHE B 90 -13.00 16.52 -1.56
N LYS B 91 -13.53 17.56 -2.17
CA LYS B 91 -13.32 18.91 -1.65
C LYS B 91 -14.29 19.18 -0.49
N TRP B 92 -13.74 19.68 0.62
CA TRP B 92 -14.57 20.15 1.73
C TRP B 92 -15.30 21.42 1.30
N ASP B 93 -16.61 21.47 1.51
CA ASP B 93 -17.41 22.62 1.11
C ASP B 93 -17.56 23.65 2.23
N GLY B 94 -16.67 23.63 3.21
CA GLY B 94 -16.69 24.60 4.28
C GLY B 94 -17.86 24.49 5.24
N LYS B 95 -18.78 23.60 5.00
CA LYS B 95 -19.87 23.38 5.92
C LYS B 95 -19.38 22.54 7.11
N PRO B 96 -19.75 22.92 8.33
CA PRO B 96 -19.17 22.24 9.50
C PRO B 96 -19.48 20.75 9.46
N ARG B 97 -18.56 19.97 10.00
CA ARG B 97 -18.68 18.52 10.05
C ARG B 97 -18.46 18.09 11.49
N ALA B 98 -18.92 16.88 11.80
CA ALA B 98 -18.89 16.42 13.19
C ALA B 98 -17.48 16.31 13.75
N MET B 99 -16.46 16.34 12.89
CA MET B 99 -15.07 16.12 13.26
C MET B 99 -14.27 17.21 12.57
N LYS B 100 -13.44 17.95 13.31
CA LYS B 100 -12.62 18.93 12.61
C LYS B 100 -11.57 18.24 11.73
N GLN B 101 -11.27 16.95 11.98
CA GLN B 101 -10.44 16.13 11.09
C GLN B 101 -11.03 16.03 9.69
N TRP B 102 -12.34 16.11 9.53
CA TRP B 102 -12.98 15.93 8.24
C TRP B 102 -13.13 17.24 7.48
N GLU B 103 -12.71 18.35 8.11
CA GLU B 103 -12.92 19.70 7.61
C GLU B 103 -11.69 20.12 6.79
N ARG B 104 -11.53 19.42 5.66
CA ARG B 104 -10.39 19.62 4.77
C ARG B 104 -10.56 18.73 3.54
N ASP B 105 -9.91 19.12 2.43
CA ASP B 105 -9.95 18.31 1.23
C ASP B 105 -9.37 16.94 1.52
N LEU B 106 -9.88 15.92 0.84
CA LEU B 106 -9.52 14.54 1.13
C LEU B 106 -9.39 13.76 -0.16
N THR B 107 -8.36 12.92 -0.23
CA THR B 107 -8.31 11.87 -1.24
C THR B 107 -9.15 10.67 -0.77
N LEU B 108 -9.42 9.75 -1.71
CA LEU B 108 -10.18 8.57 -1.33
C LEU B 108 -9.53 7.85 -0.16
N ARG B 109 -8.22 7.63 -0.22
N ARG B 109 -8.21 7.62 -0.23
CA ARG B 109 -7.53 7.01 0.91
CA ARG B 109 -7.51 7.02 0.90
C ARG B 109 -7.76 7.82 2.18
C ARG B 109 -7.73 7.82 2.18
N GLY B 110 -7.62 9.14 2.08
CA GLY B 110 -7.83 9.98 3.25
C GLY B 110 -9.25 9.85 3.78
N ALA B 111 -10.24 9.85 2.89
CA ALA B 111 -11.64 9.74 3.33
C ALA B 111 -11.87 8.44 4.07
N ILE B 112 -11.25 7.36 3.60
CA ILE B 112 -11.41 6.05 4.23
C ILE B 112 -10.66 6.02 5.55
N GLN B 113 -9.43 6.55 5.55
CA GLN B 113 -8.57 6.39 6.71
C GLN B 113 -9.05 7.24 7.85
N VAL B 114 -9.61 8.43 7.54
CA VAL B 114 -10.20 9.31 8.55
C VAL B 114 -11.68 9.00 8.71
N SER B 115 -12.21 8.08 7.92
N SER B 115 -12.24 8.14 7.85
CA SER B 115 -13.62 7.69 7.94
CA SER B 115 -13.63 7.70 7.96
C SER B 115 -14.55 8.91 7.92
C SER B 115 -14.58 8.91 7.95
N ALA B 116 -14.51 9.60 6.79
CA ALA B 116 -15.30 10.81 6.57
C ALA B 116 -16.69 10.44 6.07
N VAL B 117 -17.58 10.21 7.02
CA VAL B 117 -18.97 9.88 6.74
C VAL B 117 -19.57 10.79 5.66
N PRO B 118 -19.44 12.11 5.78
CA PRO B 118 -20.13 12.96 4.80
C PRO B 118 -19.75 12.69 3.36
N VAL B 119 -18.48 12.35 3.11
CA VAL B 119 -18.07 12.05 1.76
C VAL B 119 -18.77 10.81 1.25
N PHE B 120 -18.86 9.78 2.10
CA PHE B 120 -19.45 8.50 1.69
C PHE B 120 -20.98 8.53 1.68
N GLN B 121 -21.62 9.33 2.54
CA GLN B 121 -23.04 9.60 2.34
C GLN B 121 -23.32 10.17 0.94
N GLN B 122 -22.50 11.13 0.48
CA GLN B 122 -22.74 11.73 -0.81
C GLN B 122 -22.49 10.72 -1.94
N ILE B 123 -21.38 9.99 -1.85
CA ILE B 123 -21.14 8.88 -2.78
C ILE B 123 -22.38 7.99 -2.84
N ALA B 124 -22.88 7.59 -1.67
CA ALA B 124 -24.03 6.69 -1.63
C ALA B 124 -25.21 7.29 -2.39
N ARG B 125 -25.51 8.56 -2.10
CA ARG B 125 -26.61 9.25 -2.79
C ARG B 125 -26.44 9.21 -4.30
N GLU B 126 -25.22 9.47 -4.78
CA GLU B 126 -25.00 9.49 -6.22
C GLU B 126 -25.07 8.09 -6.81
N VAL B 127 -24.66 7.08 -6.06
CA VAL B 127 -24.78 5.72 -6.57
C VAL B 127 -26.26 5.39 -6.74
N GLY B 128 -27.08 5.74 -5.77
CA GLY B 128 -28.51 5.54 -5.87
C GLY B 128 -28.90 4.11 -5.57
N GLU B 129 -30.18 3.95 -5.24
CA GLU B 129 -30.64 2.70 -4.63
C GLU B 129 -30.46 1.52 -5.59
N VAL B 130 -30.95 1.66 -6.82
CA VAL B 130 -30.90 0.52 -7.75
C VAL B 130 -29.47 0.04 -7.92
N ARG B 131 -28.52 0.94 -8.08
CA ARG B 131 -27.15 0.48 -8.27
C ARG B 131 -26.57 -0.05 -6.97
N MET B 132 -26.86 0.59 -5.83
CA MET B 132 -26.37 0.08 -4.55
C MET B 132 -26.93 -1.32 -4.29
N GLN B 133 -28.19 -1.55 -4.62
CA GLN B 133 -28.76 -2.87 -4.39
C GLN B 133 -28.09 -3.92 -5.26
N LYS B 134 -27.83 -3.58 -6.53
CA LYS B 134 -27.20 -4.49 -7.46
C LYS B 134 -25.83 -4.96 -6.96
N TYR B 135 -24.98 -4.04 -6.54
CA TYR B 135 -23.63 -4.46 -6.16
C TYR B 135 -23.62 -5.22 -4.83
N LEU B 136 -24.51 -4.91 -3.89
CA LEU B 136 -24.50 -5.67 -2.65
C LEU B 136 -24.97 -7.09 -2.87
N LYS B 137 -25.82 -7.32 -3.88
CA LYS B 137 -26.15 -8.70 -4.25
C LYS B 137 -24.95 -9.38 -4.91
N LYS B 138 -24.32 -8.73 -5.90
CA LYS B 138 -23.15 -9.32 -6.53
C LYS B 138 -22.06 -9.60 -5.50
N PHE B 139 -21.91 -8.71 -4.52
CA PHE B 139 -20.89 -8.90 -3.50
C PHE B 139 -21.32 -9.86 -2.39
N SER B 140 -22.56 -10.35 -2.41
CA SER B 140 -23.12 -11.12 -1.28
C SER B 140 -22.88 -10.42 0.07
N TYR B 141 -23.23 -9.14 0.14
CA TYR B 141 -22.85 -8.38 1.32
C TYR B 141 -23.92 -8.42 2.40
N GLY B 142 -23.75 -9.37 3.34
CA GLY B 142 -24.68 -9.48 4.46
C GLY B 142 -26.11 -9.75 4.00
N ASN B 143 -27.06 -9.15 4.71
CA ASN B 143 -28.48 -9.35 4.36
C ASN B 143 -28.94 -8.46 3.22
N GLN B 144 -28.07 -7.65 2.64
CA GLN B 144 -28.33 -6.90 1.42
C GLN B 144 -29.53 -5.95 1.51
N ASN B 145 -29.98 -5.65 2.72
CA ASN B 145 -31.13 -4.79 2.94
C ASN B 145 -30.62 -3.37 3.17
N ILE B 146 -30.81 -2.52 2.16
CA ILE B 146 -30.37 -1.13 2.25
C ILE B 146 -31.54 -0.20 2.59
N SER B 147 -32.66 -0.76 3.05
CA SER B 147 -33.79 0.02 3.53
C SER B 147 -33.34 0.87 4.72
N GLY B 148 -33.96 2.03 4.85
CA GLY B 148 -33.63 2.97 5.90
C GLY B 148 -33.09 4.30 5.42
N GLY B 149 -32.94 4.53 4.11
CA GLY B 149 -32.44 5.78 3.58
C GLY B 149 -31.10 5.55 2.92
N ILE B 150 -30.97 5.91 1.64
CA ILE B 150 -29.83 5.52 0.82
C ILE B 150 -28.53 6.02 1.41
N ASP B 151 -28.61 7.02 2.27
CA ASP B 151 -27.45 7.68 2.86
C ASP B 151 -27.21 7.25 4.29
N LYS B 152 -27.96 6.25 4.78
CA LYS B 152 -27.86 5.87 6.18
C LYS B 152 -28.18 4.41 6.48
N PHE B 153 -28.41 3.57 5.46
CA PHE B 153 -28.79 2.19 5.73
C PHE B 153 -27.72 1.45 6.51
N TRP B 154 -26.44 1.76 6.29
CA TRP B 154 -25.38 1.01 6.94
C TRP B 154 -25.06 1.48 8.35
N LEU B 155 -25.60 2.61 8.79
CA LEU B 155 -25.29 3.10 10.12
C LEU B 155 -26.49 3.16 11.04
N GLU B 156 -27.69 3.37 10.52
CA GLU B 156 -28.88 3.20 11.34
C GLU B 156 -30.01 2.47 10.64
N GLY B 157 -29.83 2.05 9.40
CA GLY B 157 -30.83 1.30 8.66
C GLY B 157 -30.83 -0.15 9.05
N GLN B 158 -31.19 -0.99 8.08
CA GLN B 158 -31.46 -2.41 8.30
C GLN B 158 -30.37 -3.34 7.78
N LEU B 159 -29.34 -2.81 7.15
CA LEU B 159 -28.28 -3.67 6.63
C LEU B 159 -27.49 -4.32 7.77
N ARG B 160 -27.19 -5.61 7.64
CA ARG B 160 -26.50 -6.37 8.67
C ARG B 160 -25.51 -7.33 8.03
N ILE B 161 -24.36 -7.54 8.68
CA ILE B 161 -23.33 -8.45 8.15
C ILE B 161 -22.60 -9.11 9.31
N SER B 162 -22.23 -10.37 9.12
CA SER B 162 -21.58 -11.14 10.17
C SER B 162 -20.09 -11.11 9.98
N ALA B 163 -19.37 -11.50 11.04
CA ALA B 163 -17.92 -11.52 10.93
C ALA B 163 -17.47 -12.55 9.90
N VAL B 164 -18.19 -13.67 9.74
CA VAL B 164 -17.80 -14.63 8.71
C VAL B 164 -18.01 -14.03 7.32
N ASN B 165 -19.15 -13.34 7.10
CA ASN B 165 -19.39 -12.67 5.82
C ASN B 165 -18.33 -11.61 5.53
N GLN B 166 -17.86 -10.91 6.56
CA GLN B 166 -16.81 -9.90 6.33
C GLN B 166 -15.55 -10.56 5.80
N VAL B 167 -15.07 -11.58 6.49
N VAL B 167 -15.09 -11.63 6.44
CA VAL B 167 -13.89 -12.31 6.03
CA VAL B 167 -13.84 -12.22 5.98
C VAL B 167 -14.09 -12.74 4.58
C VAL B 167 -14.02 -12.87 4.61
N GLU B 168 -15.20 -13.41 4.28
CA GLU B 168 -15.43 -13.89 2.91
C GLU B 168 -15.30 -12.74 1.90
N PHE B 169 -15.93 -11.60 2.21
CA PHE B 169 -15.91 -10.43 1.33
C PHE B 169 -14.48 -9.90 1.17
N LEU B 170 -13.77 -9.74 2.27
CA LEU B 170 -12.40 -9.27 2.23
C LEU B 170 -11.47 -10.25 1.52
N GLU B 171 -11.69 -11.56 1.72
CA GLU B 171 -10.89 -12.52 0.97
C GLU B 171 -11.12 -12.36 -0.52
N SER B 172 -12.37 -12.17 -0.93
CA SER B 172 -12.64 -11.90 -2.34
C SER B 172 -11.95 -10.62 -2.80
N LEU B 173 -12.00 -9.57 -2.00
CA LEU B 173 -11.33 -8.32 -2.39
C LEU B 173 -9.84 -8.57 -2.58
N TYR B 174 -9.20 -9.20 -1.60
CA TYR B 174 -7.79 -9.53 -1.70
C TYR B 174 -7.48 -10.25 -3.00
N LEU B 175 -8.30 -11.26 -3.34
CA LEU B 175 -8.10 -12.06 -4.54
C LEU B 175 -8.57 -11.36 -5.80
N ASN B 176 -9.06 -10.13 -5.69
CA ASN B 176 -9.63 -9.42 -6.83
C ASN B 176 -10.76 -10.22 -7.46
N LYS B 177 -11.49 -10.97 -6.65
CA LYS B 177 -12.55 -11.83 -7.15
C LYS B 177 -13.94 -11.23 -7.00
N LEU B 178 -14.08 -10.07 -6.36
CA LEU B 178 -15.38 -9.42 -6.39
C LEU B 178 -15.78 -9.07 -7.83
N SER B 179 -17.09 -8.94 -8.03
CA SER B 179 -17.66 -8.56 -9.33
C SER B 179 -17.50 -7.06 -9.55
N ALA B 180 -16.24 -6.66 -9.78
CA ALA B 180 -15.87 -5.29 -10.12
C ALA B 180 -14.53 -5.34 -10.82
N SER B 181 -14.11 -4.20 -11.34
CA SER B 181 -12.83 -4.15 -12.04
C SER B 181 -11.71 -4.56 -11.09
N LYS B 182 -10.71 -5.25 -11.65
CA LYS B 182 -9.49 -5.46 -10.88
C LYS B 182 -8.93 -4.13 -10.42
N GLU B 183 -8.88 -3.17 -11.36
CA GLU B 183 -8.37 -1.84 -11.05
C GLU B 183 -9.06 -1.26 -9.83
N ASN B 184 -10.39 -1.31 -9.80
CA ASN B 184 -11.08 -0.68 -8.69
C ASN B 184 -10.80 -1.40 -7.38
N GLN B 185 -10.69 -2.72 -7.40
CA GLN B 185 -10.31 -3.45 -6.19
C GLN B 185 -8.92 -3.06 -5.71
N LEU B 186 -7.97 -2.98 -6.65
CA LEU B 186 -6.60 -2.57 -6.31
C LEU B 186 -6.57 -1.17 -5.69
N ILE B 187 -7.32 -0.23 -6.25
CA ILE B 187 -7.36 1.13 -5.71
C ILE B 187 -7.82 1.10 -4.25
N VAL B 188 -8.94 0.42 -3.98
CA VAL B 188 -9.48 0.41 -2.63
C VAL B 188 -8.54 -0.32 -1.69
N LYS B 189 -7.83 -1.35 -2.20
CA LYS B 189 -6.88 -2.06 -1.37
C LYS B 189 -5.75 -1.15 -0.89
N GLU B 190 -5.14 -0.39 -1.79
CA GLU B 190 -4.06 0.45 -1.32
C GLU B 190 -4.59 1.51 -0.36
N ALA B 191 -5.84 1.96 -0.58
CA ALA B 191 -6.45 2.93 0.31
C ALA B 191 -6.59 2.36 1.71
N LEU B 192 -6.59 1.05 1.84
CA LEU B 192 -6.83 0.41 3.11
C LEU B 192 -5.55 -0.04 3.81
N VAL B 193 -4.38 0.18 3.23
CA VAL B 193 -3.16 -0.19 3.92
C VAL B 193 -3.02 0.67 5.17
N THR B 194 -2.75 0.05 6.32
CA THR B 194 -2.57 0.80 7.55
C THR B 194 -1.24 0.54 8.24
N GLU B 195 -0.48 -0.45 7.80
CA GLU B 195 0.83 -0.72 8.37
C GLU B 195 1.65 -1.41 7.30
N ALA B 196 2.89 -0.96 7.12
CA ALA B 196 3.76 -1.51 6.09
C ALA B 196 5.16 -1.73 6.61
N ALA B 197 5.63 -2.97 6.53
CA ALA B 197 7.02 -3.35 6.76
C ALA B 197 7.42 -4.20 5.57
N PRO B 198 8.72 -4.49 5.40
CA PRO B 198 9.13 -5.26 4.21
C PRO B 198 8.41 -6.59 4.03
N GLU B 199 8.09 -7.30 5.11
CA GLU B 199 7.42 -8.60 4.97
C GLU B 199 6.20 -8.70 5.86
N TYR B 200 5.53 -7.57 6.10
CA TYR B 200 4.35 -7.52 6.94
C TYR B 200 3.53 -6.33 6.46
N LEU B 201 2.37 -6.60 5.86
CA LEU B 201 1.51 -5.55 5.32
C LEU B 201 0.11 -5.76 5.84
N VAL B 202 -0.48 -4.71 6.40
CA VAL B 202 -1.81 -4.79 7.00
C VAL B 202 -2.74 -3.88 6.23
N HIS B 203 -3.89 -4.43 5.83
CA HIS B 203 -5.04 -3.68 5.35
C HIS B 203 -6.13 -3.78 6.42
N SER B 204 -6.73 -2.66 6.80
CA SER B 204 -7.73 -2.79 7.86
C SER B 204 -8.67 -1.59 7.88
N LYS B 205 -9.83 -1.80 8.53
CA LYS B 205 -10.83 -0.77 8.66
C LYS B 205 -11.57 -0.98 9.98
N THR B 206 -11.72 0.12 10.74
CA THR B 206 -12.49 0.09 11.97
C THR B 206 -13.93 0.51 11.71
N GLY B 207 -14.79 0.19 12.67
CA GLY B 207 -16.16 0.65 12.64
C GLY B 207 -16.73 0.75 14.03
N PHE B 208 -17.63 1.71 14.21
CA PHE B 208 -18.33 1.93 15.46
C PHE B 208 -19.70 2.53 15.16
N SER B 209 -20.76 1.84 15.59
CA SER B 209 -22.11 2.26 15.24
C SER B 209 -22.66 3.33 16.16
N GLY B 210 -22.06 3.51 17.34
CA GLY B 210 -22.59 4.31 18.41
C GLY B 210 -22.73 3.50 19.67
N VAL B 211 -23.23 4.16 20.72
CA VAL B 211 -23.42 3.47 21.99
C VAL B 211 -24.75 2.73 22.09
N GLY B 212 -25.68 2.98 21.17
CA GLY B 212 -26.93 2.26 21.18
C GLY B 212 -27.72 2.52 22.45
N THR B 213 -28.00 1.47 23.19
CA THR B 213 -28.54 1.57 24.52
C THR B 213 -27.68 0.62 25.36
N GLU B 214 -27.92 0.50 26.65
CA GLU B 214 -27.32 -0.64 27.33
C GLU B 214 -28.30 -1.81 27.33
N SER B 215 -29.53 -1.56 26.85
CA SER B 215 -30.50 -2.58 26.43
C SER B 215 -30.15 -3.22 25.09
N ASN B 216 -29.79 -2.41 24.09
CA ASN B 216 -29.49 -2.87 22.73
C ASN B 216 -28.24 -2.13 22.29
N PRO B 217 -27.08 -2.58 22.77
CA PRO B 217 -25.84 -1.84 22.54
C PRO B 217 -25.54 -1.62 21.07
N GLY B 218 -24.58 -0.75 20.83
CA GLY B 218 -24.02 -0.59 19.50
C GLY B 218 -22.94 -1.62 19.29
N VAL B 219 -22.30 -1.52 18.15
CA VAL B 219 -21.29 -2.50 17.77
C VAL B 219 -20.03 -1.77 17.37
N ALA B 220 -18.88 -2.39 17.65
CA ALA B 220 -17.59 -1.90 17.19
C ALA B 220 -16.89 -3.02 16.43
N TRP B 221 -16.30 -2.68 15.29
CA TRP B 221 -15.68 -3.61 14.36
C TRP B 221 -14.19 -3.32 14.22
N TRP B 222 -13.42 -4.37 13.96
CA TRP B 222 -12.13 -4.25 13.28
C TRP B 222 -12.10 -5.36 12.25
N VAL B 223 -11.82 -5.00 11.00
CA VAL B 223 -11.74 -5.99 9.93
C VAL B 223 -10.55 -5.67 9.05
N GLY B 224 -10.06 -6.70 8.37
CA GLY B 224 -8.97 -6.53 7.42
C GLY B 224 -8.21 -7.83 7.21
N TRP B 225 -6.94 -7.69 6.83
CA TRP B 225 -6.14 -8.87 6.60
C TRP B 225 -4.67 -8.50 6.69
N VAL B 226 -3.87 -9.53 6.93
CA VAL B 226 -2.45 -9.41 7.17
C VAL B 226 -1.73 -10.29 6.17
N GLU B 227 -0.78 -9.70 5.46
CA GLU B 227 0.09 -10.41 4.53
C GLU B 227 1.44 -10.46 5.21
N LYS B 228 1.90 -11.68 5.54
CA LYS B 228 3.12 -11.89 6.31
C LYS B 228 3.91 -13.02 5.63
N GLU B 229 5.12 -12.70 5.14
CA GLU B 229 5.87 -13.65 4.30
C GLU B 229 4.92 -14.03 3.18
N THR B 230 4.69 -15.33 2.88
CA THR B 230 3.76 -15.65 1.79
C THR B 230 2.38 -16.05 2.31
N GLU B 231 2.11 -15.89 3.60
CA GLU B 231 0.82 -16.24 4.18
C GLU B 231 -0.08 -15.01 4.21
N VAL B 232 -1.39 -15.24 4.19
CA VAL B 232 -2.38 -14.18 4.30
C VAL B 232 -3.40 -14.60 5.34
N TYR B 233 -3.70 -13.69 6.27
CA TYR B 233 -4.67 -13.92 7.34
C TYR B 233 -5.78 -12.89 7.22
N PHE B 234 -7.02 -13.35 7.07
CA PHE B 234 -8.19 -12.50 7.06
C PHE B 234 -8.83 -12.50 8.44
N PHE B 235 -9.19 -11.32 8.95
CA PHE B 235 -9.77 -11.23 10.28
C PHE B 235 -10.98 -10.32 10.31
N ALA B 236 -11.90 -10.62 11.23
CA ALA B 236 -13.04 -9.76 11.50
C ALA B 236 -13.33 -9.82 12.99
N PHE B 237 -13.37 -8.66 13.63
CA PHE B 237 -13.71 -8.56 15.05
C PHE B 237 -14.96 -7.69 15.22
N ASN B 238 -15.89 -8.12 16.07
CA ASN B 238 -16.91 -7.19 16.55
C ASN B 238 -17.20 -7.46 18.01
N MET B 239 -17.74 -6.42 18.68
CA MET B 239 -18.08 -6.50 20.09
C MET B 239 -19.26 -5.59 20.42
N ASP B 240 -20.01 -5.97 21.45
CA ASP B 240 -21.02 -5.08 22.00
C ASP B 240 -20.32 -3.94 22.74
N ILE B 241 -20.82 -2.72 22.54
CA ILE B 241 -20.23 -1.55 23.20
C ILE B 241 -21.29 -0.52 23.56
N ASP B 242 -21.37 -0.20 24.83
CA ASP B 242 -22.27 0.80 25.41
C ASP B 242 -21.57 2.11 25.74
N ASN B 243 -20.24 2.06 25.89
CA ASN B 243 -19.45 3.17 26.40
C ASN B 243 -18.30 3.39 25.44
N GLU B 244 -18.37 4.48 24.67
CA GLU B 244 -17.30 4.93 23.80
C GLU B 244 -15.96 4.72 24.52
N SER B 245 -16.01 4.81 25.84
CA SER B 245 -14.91 4.42 26.71
C SER B 245 -14.13 3.22 26.20
N LYS B 246 -14.83 2.14 25.91
CA LYS B 246 -14.18 0.86 25.62
C LYS B 246 -13.80 0.69 24.18
N LEU B 247 -13.90 1.73 23.35
CA LEU B 247 -13.46 1.59 21.97
C LEU B 247 -12.06 1.02 21.85
N PRO B 248 -11.08 1.35 22.71
CA PRO B 248 -9.74 0.79 22.53
C PRO B 248 -9.67 -0.74 22.58
N LEU B 249 -10.67 -1.42 23.13
CA LEU B 249 -10.49 -2.87 23.24
C LEU B 249 -10.75 -3.58 21.95
N ARG B 250 -11.41 -2.92 20.98
CA ARG B 250 -11.66 -3.48 19.65
C ARG B 250 -10.32 -3.88 19.06
N LYS B 251 -9.27 -3.02 19.20
CA LYS B 251 -8.00 -3.35 18.53
C LYS B 251 -7.09 -4.09 19.47
N SER B 252 -7.29 -3.82 20.76
CA SER B 252 -6.46 -4.46 21.76
C SER B 252 -6.72 -5.96 21.82
N ILE B 253 -7.97 -6.41 21.76
CA ILE B 253 -8.27 -7.83 21.92
C ILE B 253 -7.84 -8.65 20.70
N PRO B 254 -8.12 -8.23 19.48
CA PRO B 254 -7.65 -9.02 18.33
C PRO B 254 -6.15 -8.98 18.19
N THR B 255 -5.51 -7.85 18.54
CA THR B 255 -4.06 -7.82 18.48
C THR B 255 -3.46 -8.85 19.44
N LYS B 256 -4.00 -8.94 20.65
CA LYS B 256 -3.47 -9.90 21.61
C LYS B 256 -3.67 -11.32 21.10
N ILE B 257 -4.79 -11.59 20.44
CA ILE B 257 -5.01 -12.92 19.86
C ILE B 257 -4.04 -13.19 18.71
N MET B 258 -3.88 -12.23 17.80
CA MET B 258 -2.98 -12.45 16.67
C MET B 258 -1.54 -12.58 17.14
N GLU B 259 -1.12 -11.73 18.08
CA GLU B 259 0.20 -11.89 18.69
C GLU B 259 0.33 -13.30 19.26
N SER B 260 -0.70 -13.77 19.96
CA SER B 260 -0.73 -15.14 20.46
C SER B 260 -0.47 -16.16 19.36
N GLU B 261 -0.85 -15.86 18.13
CA GLU B 261 -0.73 -16.80 17.02
C GLU B 261 0.52 -16.55 16.19
N GLY B 262 1.45 -15.76 16.70
CA GLY B 262 2.67 -15.47 15.97
C GLY B 262 2.54 -14.50 14.82
N ILE B 263 1.41 -13.82 14.70
CA ILE B 263 1.13 -12.96 13.54
C ILE B 263 1.43 -11.52 13.96
N ILE B 264 2.68 -11.09 13.78
CA ILE B 264 3.04 -9.71 14.10
C ILE B 264 4.20 -9.20 13.24
C 1RG C . 22.59 -3.40 4.65
N 1RG C . 21.09 -4.90 3.55
O 1RG C . 23.63 -3.16 5.17
CA 1RG C . 22.35 -4.75 4.00
CB 1RG C . 23.44 -4.88 2.79
CD 1RG C . 21.23 -5.14 1.99
CG 1RG C . 22.72 -4.70 1.67
CAA 1RG C . 20.00 -3.05 -4.62
CAB 1RG C . 20.87 -3.99 -3.71
OAC 1RG C . 20.35 -1.96 -4.94
CAD 1RG C . 20.63 -3.79 -2.31
CAE 1RG C . 20.44 -5.46 -4.08
CAF 1RG C . 21.55 -6.39 -3.76
OAG 1RG C . 19.24 -5.72 -3.34
CAH 1RG C . 21.82 -4.05 -1.30
CAI 1RG C . 21.61 -3.02 -0.35
NAJ 1RG C . 20.32 -2.28 -2.14
SAK 1RG C . 22.57 -2.84 1.19
CAL 1RG C . 20.94 -1.88 -1.02
CAM 1RG C . 20.64 -0.55 -0.33
CAS 1RG C . 23.22 -3.96 -1.94
OAT 1RG C . 20.80 -0.44 0.94
OAU 1RG C . 20.21 0.38 -1.05
NAX 1RG C . 21.54 -2.39 4.60
CAY 1RG C . 21.68 -1.05 5.23
CAZ 1RG C . 20.64 -0.13 5.01
CBA 1RG C . 20.70 1.13 5.59
CBB 1RG C . 21.78 1.50 6.41
CBC 1RG C . 22.81 0.59 6.64
CBD 1RG C . 22.76 -0.69 6.05
CBE 1RG C . 19.51 2.10 5.31
OBF 1RG C . 18.79 1.95 4.28
OBG 1RG C . 19.25 3.01 6.16
HN 1RG C . 20.62 -4.16 3.69
HA 1RG C . 22.45 -5.49 4.62
HB 1RG C . 24.12 -4.19 2.87
HBA 1RG C . 23.84 -5.76 2.79
HD 1RG C . 20.60 -4.59 1.51
HDA 1RG C . 21.10 -6.07 1.78
HG 1RG C . 23.15 -5.24 1.00
HAA 1RG C . 19.17 -3.36 -4.92
HAB 1RG C . 21.81 -3.81 -3.86
HAD 1RG C . 19.94 -4.42 -2.02
HAE 1RG C . 20.26 -5.58 -5.03
HAF 1RG C . 21.75 -6.34 -2.81
HAFA 1RG C . 22.35 -6.13 -4.26
HAFB 1RG C . 21.30 -7.29 -3.99
HOAG 1RG C . 18.83 -6.37 -3.69
HAH 1RG C . 21.76 -4.93 -0.91
HNAJ 1RG C . 19.84 -1.78 -2.66
HAS 1RG C . 23.30 -3.13 -2.44
HASA 1RG C . 23.90 -3.98 -1.25
HASB 1RG C . 23.36 -4.71 -2.54
HNAX 1RG C . 20.81 -2.58 4.19
HAZ 1RG C . 19.91 -0.37 4.49
HBB 1RG C . 21.80 2.34 6.79
HBC 1RG C . 23.54 0.83 7.18
HBD 1RG C . 23.44 -1.31 6.21
C FMT D . 32.75 9.01 -2.04
O1 FMT D . 32.56 10.21 -1.79
O2 FMT D . 33.20 8.64 -3.14
H FMT D . 32.55 8.25 -1.30
MG MG E . 20.89 -3.97 -7.07
MG MG F . 36.13 1.09 -1.16
C 1RG G . -12.21 7.97 18.80
N 1RG G . -12.41 9.03 16.63
O 1RG G . -12.36 7.93 20.03
CA 1RG G . -12.87 9.10 17.95
CB 1RG G . -14.48 8.95 18.06
CD 1RG G . -13.72 8.86 15.86
CG 1RG G . -14.89 8.47 16.85
CAA 1RG G . -17.36 4.58 11.47
CAB 1RG G . -17.48 5.85 12.38
OAC 1RG G . -17.82 3.56 11.94
CAD 1RG G . -16.25 6.02 13.16
CAE 1RG G . -17.67 7.05 11.51
CAF 1RG G . -16.38 7.40 10.77
OAG 1RG G . -18.49 6.74 10.39
CAH 1RG G . -16.41 6.82 14.48
CAI 1RG G . -15.50 6.09 15.34
NAJ 1RG G . -15.76 4.61 13.39
SAK 1RG G . -14.93 6.59 17.01
CAL 1RG G . -15.13 4.80 14.58
CAM 1RG G . -14.37 3.63 15.23
CAS 1RG G . -17.75 6.65 15.18
OAT 1RG G . -13.59 3.90 16.22
OAU 1RG G . -14.54 2.46 14.72
NAX 1RG G . -11.41 6.99 18.10
CAY 1RG G . -10.74 5.85 18.77
CAZ 1RG G . -9.89 5.05 17.95
CBA 1RG G . -9.26 3.97 18.55
CBB 1RG G . -9.43 3.65 19.93
CBC 1RG G . -10.27 4.44 20.74
CBD 1RG G . -10.92 5.54 20.16
CBE 1RG G . -8.33 3.09 17.64
OBF 1RG G . -8.52 3.07 16.37
OBG 1RG G . -7.39 2.41 18.23
HN 1RG G . -11.99 9.78 16.40
HA 1RG G . -12.66 10.00 18.25
HB 1RG G . -14.72 8.33 18.77
HBA 1RG G . -14.89 9.81 18.23
HD 1RG G . -13.95 9.70 15.42
HDA 1RG G . -13.62 8.15 15.20
HG 1RG G . -15.73 8.85 16.56
HAA 1RG G . -16.97 4.61 10.64
HAB 1RG G . -18.22 5.74 12.99
HAD 1RG G . -15.56 6.57 12.73
HAE 1RG G . -18.02 7.74 12.10
HAF 1RG G . -16.06 8.27 11.08
HAFA 1RG G . -16.54 7.44 9.82
HAFB 1RG G . -15.71 6.73 10.96
HOAG 1RG G . -19.21 6.39 10.66
HAH 1RG G . -16.25 7.76 14.30
HNAJ 1RG G . -15.87 3.90 12.92
HAS 1RG G . -18.43 7.18 14.73
HASA 1RG G . -17.68 6.93 16.10
HASB 1RG G . -18.02 5.71 15.15
HNAX 1RG G . -11.32 7.07 17.25
HAZ 1RG G . -9.76 5.26 17.05
HBB 1RG G . -8.99 2.92 20.29
HBC 1RG G . -10.39 4.23 21.65
HBD 1RG G . -11.46 6.08 20.68
C FMT H . -29.02 -11.15 12.67
O1 FMT H . -29.14 -10.00 13.11
O2 FMT H . -28.19 -11.96 13.09
H FMT H . -29.75 -11.45 11.91
#